data_5TFD
#
_entry.id   5TFD
#
_cell.length_a   40.184
_cell.length_b   40.184
_cell.length_c   141.715
_cell.angle_alpha   90.00
_cell.angle_beta   90.00
_cell.angle_gamma   90.00
#
_symmetry.space_group_name_H-M   'P 43'
#
loop_
_entity.id
_entity.type
_entity.pdbx_description
1 polymer 'Cystic fibrosis transmembrane conductance regulator'
2 non-polymer 'MAGNESIUM ION'
3 non-polymer "CYTIDINE-5'-TRIPHOSPHATE"
4 water water
#
_entity_poly.entity_id   1
_entity_poly.type   'polypeptide(L)'
_entity_poly.pdbx_seq_one_letter_code
;SLTTTEVVMENVTAFWEEGGTPVLKDINFKIERGQLLAVAGSTGAGKTSLLMMIMGELEPSEGKIKHSGRISFCSQFSWI
MPGTIKENIIFGVSYDEYRYRSVIKACQLEEDISKFAEKDNIVLGEGGITLSGGQRARISLARAVYKDADLYLLDSPFGY
LDVLTEKEIFESCVCKLMANKTRILVTSKMEHLKKADKILILHEGSSYFYGTFSELQNLQPDFSSKLMG
;
_entity_poly.pdbx_strand_id   A
#
loop_
_chem_comp.id
_chem_comp.type
_chem_comp.name
_chem_comp.formula
CTP non-polymer CYTIDINE-5'-TRIPHOSPHATE 'C9 H16 N3 O14 P3'
MG non-polymer 'MAGNESIUM ION' 'Mg 2'
#
# COMPACT_ATOMS: atom_id res chain seq x y z
N THR A 5 0.25 -14.12 14.99
CA THR A 5 0.61 -12.72 14.85
C THR A 5 1.58 -12.54 13.66
N GLU A 6 1.29 -11.54 12.83
CA GLU A 6 2.05 -11.33 11.61
C GLU A 6 2.94 -10.10 11.64
N VAL A 7 2.44 -8.99 12.19
CA VAL A 7 3.22 -7.78 12.35
C VAL A 7 2.89 -7.18 13.70
N VAL A 8 3.92 -6.81 14.47
CA VAL A 8 3.76 -6.16 15.77
C VAL A 8 4.73 -5.00 15.87
N MET A 9 4.23 -3.87 16.37
CA MET A 9 5.09 -2.83 16.92
C MET A 9 4.72 -2.66 18.38
N GLU A 10 5.73 -2.62 19.25
CA GLU A 10 5.51 -2.49 20.68
C GLU A 10 6.38 -1.36 21.20
N ASN A 11 5.76 -0.28 21.68
CA ASN A 11 6.49 0.87 22.24
C ASN A 11 7.60 1.38 21.30
N VAL A 12 7.33 1.45 19.99
CA VAL A 12 8.37 1.81 19.04
C VAL A 12 8.56 3.32 18.99
N THR A 13 9.79 3.76 19.22
CA THR A 13 10.25 5.11 18.96
C THR A 13 11.42 5.06 17.99
N ALA A 14 11.50 6.02 17.06
CA ALA A 14 12.55 5.97 16.05
C ALA A 14 12.90 7.38 15.60
N PHE A 15 14.13 7.52 15.09
CA PHE A 15 14.67 8.80 14.64
C PHE A 15 15.29 8.64 13.26
N TRP A 16 15.03 9.61 12.37
CA TRP A 16 15.77 9.64 11.12
C TRP A 16 17.16 10.24 11.29
N GLU A 17 17.32 11.19 12.21
CA GLU A 17 18.60 11.83 12.46
C GLU A 17 18.95 11.73 13.93
N GLU A 18 20.14 11.22 14.22
CA GLU A 18 20.69 11.21 15.57
C GLU A 18 20.47 12.57 16.24
N GLY A 19 19.92 12.53 17.45
CA GLY A 19 19.70 13.74 18.23
C GLY A 19 18.63 14.65 17.69
N GLY A 20 17.77 14.12 16.82
CA GLY A 20 16.71 14.90 16.21
C GLY A 20 15.40 14.77 16.96
N THR A 21 14.28 15.23 16.30
CA THR A 21 13.03 14.87 16.97
C THR A 21 12.53 13.54 16.44
N PRO A 22 11.90 12.73 17.29
CA PRO A 22 11.52 11.38 16.86
C PRO A 22 10.48 11.41 15.75
N VAL A 23 10.61 10.50 14.79
CA VAL A 23 9.66 10.45 13.68
C VAL A 23 8.49 9.56 14.02
N LEU A 24 8.70 8.58 14.89
CA LEU A 24 7.64 7.77 15.49
C LEU A 24 7.89 7.74 16.99
N LYS A 25 6.82 7.82 17.77
CA LYS A 25 6.93 7.87 19.23
C LYS A 25 5.94 6.91 19.86
N ASP A 26 6.44 5.92 20.59
CA ASP A 26 5.64 4.96 21.36
C ASP A 26 4.47 4.43 20.53
N ILE A 27 4.80 3.85 19.37
CA ILE A 27 3.80 3.29 18.47
C ILE A 27 3.51 1.85 18.86
N ASN A 28 2.22 1.49 18.89
CA ASN A 28 1.80 0.13 19.22
C ASN A 28 0.71 -0.34 18.25
N PHE A 29 0.91 -1.52 17.68
CA PHE A 29 -0.19 -2.17 16.96
C PHE A 29 0.12 -3.65 16.80
N LYS A 30 -0.90 -4.42 16.44
CA LYS A 30 -0.75 -5.82 16.07
C LYS A 30 -1.66 -6.14 14.88
N ILE A 31 -1.14 -6.88 13.91
CA ILE A 31 -1.87 -7.38 12.75
C ILE A 31 -1.77 -8.90 12.73
N GLU A 32 -2.92 -9.58 12.75
CA GLU A 32 -2.92 -11.02 12.55
C GLU A 32 -2.78 -11.36 11.06
N ARG A 33 -2.34 -12.59 10.78
CA ARG A 33 -2.20 -13.03 9.40
C ARG A 33 -3.51 -12.83 8.63
N GLY A 34 -3.40 -12.19 7.46
CA GLY A 34 -4.56 -11.93 6.62
C GLY A 34 -5.40 -10.72 7.00
N GLN A 35 -5.02 -9.94 8.00
CA GLN A 35 -5.84 -8.78 8.34
C GLN A 35 -5.38 -7.55 7.57
N LEU A 36 -6.17 -6.48 7.70
CA LEU A 36 -5.89 -5.20 7.07
C LEU A 36 -5.73 -4.15 8.17
N LEU A 37 -4.59 -3.48 8.20
CA LEU A 37 -4.36 -2.31 9.03
C LEU A 37 -4.41 -1.07 8.15
N ALA A 38 -5.22 -0.09 8.54
CA ALA A 38 -5.22 1.20 7.87
C ALA A 38 -4.39 2.16 8.72
N VAL A 39 -3.49 2.88 8.05
CA VAL A 39 -2.61 3.86 8.71
C VAL A 39 -2.96 5.23 8.15
N ALA A 40 -3.39 6.14 9.01
CA ALA A 40 -3.87 7.45 8.60
C ALA A 40 -3.09 8.52 9.34
N GLY A 41 -3.26 9.77 8.93
CA GLY A 41 -2.62 10.90 9.58
C GLY A 41 -2.14 11.93 8.56
N SER A 42 -1.92 13.15 9.04
CA SER A 42 -1.62 14.28 8.15
C SER A 42 -0.22 14.15 7.55
N THR A 43 0.11 15.05 6.62
CA THR A 43 1.43 14.99 6.01
C THR A 43 2.51 15.14 7.08
N GLY A 44 3.56 14.35 6.97
CA GLY A 44 4.63 14.35 7.93
C GLY A 44 4.35 13.60 9.23
N ALA A 45 3.19 12.93 9.34
CA ALA A 45 2.86 12.24 10.58
C ALA A 45 3.76 11.05 10.85
N GLY A 46 4.37 10.47 9.82
CA GLY A 46 5.25 9.33 9.99
C GLY A 46 4.78 8.02 9.36
N LYS A 47 3.82 8.10 8.43
CA LYS A 47 3.20 6.89 7.88
C LYS A 47 4.17 6.12 6.97
N THR A 48 4.78 6.81 6.01
CA THR A 48 5.78 6.13 5.19
C THR A 48 6.95 5.67 6.05
N SER A 49 7.35 6.47 7.05
CA SER A 49 8.44 6.06 7.92
C SER A 49 8.11 4.75 8.63
N LEU A 50 6.84 4.57 9.02
CA LEU A 50 6.43 3.32 9.65
C LEU A 50 6.63 2.14 8.71
N LEU A 51 6.25 2.30 7.45
CA LEU A 51 6.47 1.26 6.46
C LEU A 51 7.96 0.99 6.27
N MET A 52 8.77 2.05 6.27
CA MET A 52 10.22 1.88 6.13
C MET A 52 10.83 1.09 7.27
N MET A 53 10.31 1.27 8.50
CA MET A 53 10.78 0.44 9.60
C MET A 53 10.50 -1.03 9.35
N ILE A 54 9.30 -1.34 8.83
CA ILE A 54 8.96 -2.73 8.55
C ILE A 54 9.88 -3.31 7.47
N MET A 55 10.28 -2.48 6.51
CA MET A 55 11.19 -2.91 5.45
C MET A 55 12.65 -2.85 5.84
N GLY A 56 12.95 -2.51 7.09
CA GLY A 56 14.30 -2.52 7.60
C GLY A 56 15.14 -1.33 7.22
N GLU A 57 14.55 -0.25 6.72
CA GLU A 57 15.31 0.93 6.36
C GLU A 57 15.38 1.94 7.49
N LEU A 58 14.75 1.66 8.63
CA LEU A 58 14.72 2.56 9.76
C LEU A 58 14.67 1.72 11.03
N GLU A 59 15.65 1.91 11.91
CA GLU A 59 15.74 1.02 13.07
C GLU A 59 15.16 1.70 14.30
N PRO A 60 14.47 0.94 15.15
CA PRO A 60 13.87 1.54 16.36
C PRO A 60 14.96 1.89 17.37
N SER A 61 14.77 3.03 18.02
CA SER A 61 15.61 3.40 19.15
C SER A 61 15.05 2.85 20.46
N GLU A 62 13.74 2.71 20.55
CA GLU A 62 13.06 2.03 21.65
C GLU A 62 12.04 1.08 21.07
N GLY A 63 11.72 0.02 21.81
CA GLY A 63 10.63 -0.85 21.40
C GLY A 63 11.06 -2.05 20.56
N LYS A 64 10.07 -2.87 20.25
CA LYS A 64 10.26 -4.13 19.54
C LYS A 64 9.39 -4.17 18.28
N ILE A 65 9.89 -4.89 17.27
CA ILE A 65 9.21 -5.02 15.98
C ILE A 65 9.22 -6.49 15.59
N LYS A 66 8.07 -7.00 15.14
CA LYS A 66 7.97 -8.34 14.61
C LYS A 66 7.38 -8.32 13.21
N HIS A 67 8.10 -8.93 12.26
CA HIS A 67 7.52 -9.25 10.96
C HIS A 67 8.41 -10.28 10.28
N SER A 68 7.80 -11.15 9.47
CA SER A 68 8.55 -12.18 8.77
C SER A 68 8.05 -12.32 7.35
N GLY A 69 8.95 -12.68 6.44
CA GLY A 69 8.58 -13.05 5.10
C GLY A 69 8.78 -11.92 4.10
N ARG A 70 8.45 -12.24 2.86
CA ARG A 70 8.69 -11.31 1.78
C ARG A 70 7.67 -10.18 1.85
N ILE A 71 8.12 -9.00 1.44
CA ILE A 71 7.31 -7.80 1.45
C ILE A 71 7.11 -7.36 0.00
N SER A 72 5.90 -6.91 -0.31
CA SER A 72 5.68 -6.15 -1.53
C SER A 72 5.24 -4.74 -1.14
N PHE A 73 5.95 -3.74 -1.66
CA PHE A 73 5.76 -2.34 -1.29
C PHE A 73 5.28 -1.55 -2.48
N CYS A 74 4.20 -0.77 -2.31
CA CYS A 74 3.72 0.17 -3.32
C CYS A 74 3.98 1.59 -2.83
N SER A 75 4.91 2.28 -3.48
CA SER A 75 5.25 3.65 -3.09
C SER A 75 4.08 4.60 -3.33
N GLN A 76 4.00 5.67 -2.52
CA GLN A 76 3.03 6.73 -2.77
C GLN A 76 3.36 7.52 -4.03
N PHE A 77 4.57 7.36 -4.56
CA PHE A 77 4.98 8.01 -5.80
C PHE A 77 5.00 6.94 -6.89
N SER A 78 4.02 6.99 -7.79
CA SER A 78 3.92 5.99 -8.83
C SER A 78 5.12 6.09 -9.77
N TRP A 79 5.50 4.96 -10.36
CA TRP A 79 6.63 5.00 -11.27
C TRP A 79 6.44 3.97 -12.37
N ILE A 80 7.10 4.22 -13.49
CA ILE A 80 7.08 3.36 -14.67
C ILE A 80 8.52 3.18 -15.14
N MET A 81 8.85 1.98 -15.58
CA MET A 81 10.12 1.75 -16.24
C MET A 81 9.88 1.44 -17.72
N PRO A 82 10.88 1.68 -18.57
CA PRO A 82 10.70 1.39 -20.00
C PRO A 82 10.36 -0.07 -20.23
N GLY A 83 9.25 -0.30 -20.91
CA GLY A 83 8.80 -1.64 -21.22
C GLY A 83 7.29 -1.64 -21.41
N THR A 84 6.77 -2.82 -21.70
CA THR A 84 5.33 -2.87 -21.94
C THR A 84 4.57 -2.73 -20.63
N ILE A 85 3.25 -2.51 -20.74
CA ILE A 85 2.44 -2.45 -19.53
C ILE A 85 2.47 -3.80 -18.82
N LYS A 86 2.49 -4.89 -19.60
CA LYS A 86 2.58 -6.21 -18.98
C LYS A 86 3.91 -6.38 -18.26
N GLU A 87 5.01 -5.97 -18.89
CA GLU A 87 6.33 -6.06 -18.25
C GLU A 87 6.40 -5.20 -16.99
N ASN A 88 5.78 -4.02 -17.01
CA ASN A 88 5.80 -3.16 -15.83
C ASN A 88 5.05 -3.77 -14.65
N ILE A 89 4.00 -4.54 -14.93
CA ILE A 89 3.19 -5.09 -13.84
C ILE A 89 3.82 -6.35 -13.30
N ILE A 90 4.30 -7.22 -14.21
CA ILE A 90 4.96 -8.45 -13.80
C ILE A 90 6.32 -8.14 -13.18
N PHE A 91 7.03 -7.18 -13.76
CA PHE A 91 8.30 -6.65 -13.25
C PHE A 91 9.22 -7.75 -12.73
N GLY A 92 9.62 -8.65 -13.64
CA GLY A 92 10.60 -9.67 -13.33
C GLY A 92 10.08 -10.89 -12.61
N VAL A 93 8.83 -10.87 -12.12
CA VAL A 93 8.21 -12.02 -11.47
C VAL A 93 7.78 -13.00 -12.57
N SER A 94 7.69 -14.29 -12.23
CA SER A 94 7.23 -15.27 -13.20
C SER A 94 5.82 -14.90 -13.66
N TYR A 95 5.51 -15.22 -14.92
CA TYR A 95 4.24 -14.82 -15.51
C TYR A 95 3.20 -15.93 -15.36
N ASP A 96 1.98 -15.52 -15.01
CA ASP A 96 0.83 -16.40 -15.11
C ASP A 96 -0.36 -15.62 -15.63
N GLU A 97 -0.98 -16.14 -16.71
CA GLU A 97 -2.06 -15.41 -17.37
C GLU A 97 -3.21 -15.14 -16.42
N TYR A 98 -3.67 -16.15 -15.68
CA TYR A 98 -4.83 -15.95 -14.82
C TYR A 98 -4.53 -14.92 -13.74
N ARG A 99 -3.38 -15.04 -13.09
CA ARG A 99 -2.99 -14.11 -12.03
C ARG A 99 -2.88 -12.70 -12.55
N TYR A 100 -2.17 -12.53 -13.67
CA TYR A 100 -2.04 -11.22 -14.31
C TYR A 100 -3.41 -10.63 -14.64
N ARG A 101 -4.26 -11.40 -15.32
CA ARG A 101 -5.57 -10.89 -15.71
C ARG A 101 -6.39 -10.50 -14.49
N SER A 102 -6.31 -11.29 -13.41
CA SER A 102 -7.14 -10.95 -12.25
C SER A 102 -6.68 -9.65 -11.60
N VAL A 103 -5.37 -9.38 -11.62
CA VAL A 103 -4.85 -8.14 -11.07
C VAL A 103 -5.28 -6.95 -11.92
N ILE A 104 -5.12 -7.05 -13.25
CA ILE A 104 -5.45 -5.87 -14.06
C ILE A 104 -6.95 -5.61 -13.98
N LYS A 105 -7.76 -6.66 -13.90
CA LYS A 105 -9.21 -6.45 -13.74
C LYS A 105 -9.51 -5.78 -12.41
N ALA A 106 -8.84 -6.23 -11.33
CA ALA A 106 -9.10 -5.65 -10.02
C ALA A 106 -8.67 -4.20 -9.97
N CYS A 107 -7.73 -3.80 -10.83
CA CYS A 107 -7.20 -2.45 -10.85
C CYS A 107 -7.82 -1.58 -11.96
N GLN A 108 -8.87 -2.09 -12.63
CA GLN A 108 -9.58 -1.39 -13.70
C GLN A 108 -8.70 -1.09 -14.92
N LEU A 109 -7.57 -1.78 -15.07
CA LEU A 109 -6.66 -1.55 -16.19
C LEU A 109 -7.09 -2.26 -17.47
N GLU A 110 -7.98 -3.23 -17.38
CA GLU A 110 -8.44 -3.92 -18.58
C GLU A 110 -9.12 -2.94 -19.54
N GLU A 111 -9.87 -1.98 -18.99
CA GLU A 111 -10.52 -0.97 -19.81
C GLU A 111 -9.48 -0.13 -20.55
N ASP A 112 -8.45 0.35 -19.85
CA ASP A 112 -7.40 1.12 -20.51
C ASP A 112 -6.71 0.29 -21.57
N ILE A 113 -6.31 -0.93 -21.21
CA ILE A 113 -5.51 -1.75 -22.12
C ILE A 113 -6.29 -2.11 -23.37
N SER A 114 -7.59 -2.41 -23.21
CA SER A 114 -8.42 -2.83 -24.34
C SER A 114 -8.48 -1.76 -25.44
N LYS A 115 -8.22 -0.50 -25.13
CA LYS A 115 -8.34 0.56 -26.13
C LYS A 115 -7.10 0.71 -26.99
N PHE A 116 -6.01 0.02 -26.67
CA PHE A 116 -4.79 0.10 -27.46
C PHE A 116 -4.72 -1.04 -28.47
N ALA A 117 -4.26 -0.72 -29.69
CA ALA A 117 -4.08 -1.75 -30.71
C ALA A 117 -3.08 -2.81 -30.27
N GLU A 118 -2.04 -2.40 -29.54
CA GLU A 118 -1.05 -3.35 -29.06
C GLU A 118 -1.44 -4.01 -27.73
N LYS A 119 -2.56 -3.59 -27.12
CA LYS A 119 -3.11 -4.23 -25.91
C LYS A 119 -2.01 -4.26 -24.85
N ASP A 120 -1.76 -5.40 -24.20
CA ASP A 120 -0.81 -5.47 -23.09
C ASP A 120 0.63 -5.23 -23.52
N ASN A 121 0.92 -5.21 -24.83
CA ASN A 121 2.25 -4.93 -25.33
C ASN A 121 2.50 -3.45 -25.63
N ILE A 122 1.57 -2.56 -25.27
CA ILE A 122 1.85 -1.14 -25.43
C ILE A 122 3.07 -0.77 -24.60
N VAL A 123 3.93 0.06 -25.19
CA VAL A 123 5.22 0.38 -24.60
C VAL A 123 5.09 1.66 -23.80
N LEU A 124 5.50 1.61 -22.54
CA LEU A 124 5.50 2.74 -21.63
C LEU A 124 6.93 3.19 -21.39
N GLY A 125 7.06 4.43 -20.91
CA GLY A 125 8.33 4.90 -20.41
C GLY A 125 9.40 5.09 -21.46
N GLU A 126 9.01 5.17 -22.74
CA GLU A 126 9.99 5.29 -23.82
C GLU A 126 9.62 6.43 -24.77
N GLY A 127 8.84 7.41 -24.27
CA GLY A 127 8.47 8.57 -25.06
C GLY A 127 7.25 8.40 -25.94
N GLY A 128 6.68 7.20 -26.03
CA GLY A 128 5.45 7.04 -26.78
C GLY A 128 4.26 7.53 -25.97
N ILE A 129 3.55 6.59 -25.34
CA ILE A 129 2.39 6.95 -24.52
C ILE A 129 2.84 7.78 -23.33
N THR A 130 2.07 8.82 -23.04
CA THR A 130 2.20 9.56 -21.79
C THR A 130 0.99 9.19 -20.94
N LEU A 131 1.22 8.47 -19.85
CA LEU A 131 0.12 8.02 -19.01
C LEU A 131 -0.37 9.14 -18.10
N SER A 132 -1.66 9.08 -17.76
CA SER A 132 -2.21 9.98 -16.76
C SER A 132 -1.67 9.61 -15.38
N GLY A 133 -1.84 10.53 -14.42
CA GLY A 133 -1.43 10.22 -13.05
C GLY A 133 -2.16 9.00 -12.50
N GLY A 134 -3.46 8.89 -12.79
CA GLY A 134 -4.25 7.78 -12.28
C GLY A 134 -3.89 6.47 -12.93
N GLN A 135 -3.56 6.51 -14.22
CA GLN A 135 -3.07 5.30 -14.89
C GLN A 135 -1.77 4.84 -14.27
N ARG A 136 -0.82 5.76 -14.03
CA ARG A 136 0.45 5.38 -13.43
C ARG A 136 0.25 4.83 -12.03
N ALA A 137 -0.69 5.38 -11.27
CA ALA A 137 -0.96 4.87 -9.93
C ALA A 137 -1.56 3.46 -9.99
N ARG A 138 -2.50 3.21 -10.90
CA ARG A 138 -3.07 1.87 -10.96
C ARG A 138 -2.07 0.85 -11.46
N ILE A 139 -1.18 1.25 -12.37
CA ILE A 139 -0.12 0.34 -12.80
C ILE A 139 0.82 0.03 -11.64
N SER A 140 1.19 1.06 -10.87
CA SER A 140 2.07 0.83 -9.73
C SER A 140 1.43 -0.07 -8.69
N LEU A 141 0.12 0.13 -8.46
CA LEU A 141 -0.59 -0.73 -7.52
C LEU A 141 -0.63 -2.16 -8.06
N ALA A 142 -0.97 -2.32 -9.34
CA ALA A 142 -1.00 -3.65 -9.94
C ALA A 142 0.34 -4.35 -9.81
N ARG A 143 1.44 -3.63 -10.05
CA ARG A 143 2.77 -4.23 -9.92
C ARG A 143 2.98 -4.79 -8.51
N ALA A 144 2.61 -4.01 -7.48
CA ALA A 144 2.82 -4.46 -6.10
C ALA A 144 1.92 -5.63 -5.74
N VAL A 145 0.71 -5.66 -6.29
CA VAL A 145 -0.25 -6.70 -5.93
C VAL A 145 0.06 -8.00 -6.68
N TYR A 146 0.64 -7.91 -7.87
CA TYR A 146 1.01 -9.10 -8.63
C TYR A 146 2.11 -9.88 -7.93
N LYS A 147 3.05 -9.18 -7.31
CA LYS A 147 4.14 -9.83 -6.59
C LYS A 147 3.58 -10.72 -5.48
N ASP A 148 4.08 -11.95 -5.40
CA ASP A 148 3.67 -12.82 -4.31
C ASP A 148 4.47 -12.46 -3.06
N ALA A 149 3.78 -12.20 -1.96
CA ALA A 149 4.46 -11.80 -0.73
C ALA A 149 3.61 -12.21 0.46
N ASP A 150 4.25 -12.18 1.64
CA ASP A 150 3.51 -12.40 2.87
C ASP A 150 2.91 -11.12 3.42
N LEU A 151 3.45 -9.96 3.07
CA LEU A 151 2.96 -8.70 3.61
C LEU A 151 2.97 -7.63 2.52
N TYR A 152 1.84 -6.97 2.34
CA TYR A 152 1.68 -5.93 1.32
C TYR A 152 1.61 -4.57 2.01
N LEU A 153 2.53 -3.69 1.62
CA LEU A 153 2.65 -2.34 2.19
C LEU A 153 2.24 -1.37 1.09
N LEU A 154 1.00 -0.88 1.15
CA LEU A 154 0.39 -0.05 0.11
C LEU A 154 0.33 1.39 0.63
N ASP A 155 1.27 2.22 0.19
CA ASP A 155 1.43 3.58 0.72
C ASP A 155 0.64 4.54 -0.15
N SER A 156 -0.55 4.93 0.31
CA SER A 156 -1.45 5.86 -0.37
C SER A 156 -1.48 5.57 -1.88
N PRO A 157 -1.94 4.39 -2.29
CA PRO A 157 -1.75 3.94 -3.68
C PRO A 157 -2.78 4.49 -4.66
N PHE A 158 -3.73 5.31 -4.20
CA PHE A 158 -4.84 5.71 -5.05
C PHE A 158 -4.69 7.14 -5.55
N GLY A 159 -3.45 7.56 -5.80
CA GLY A 159 -3.23 8.94 -6.22
C GLY A 159 -3.90 9.21 -7.56
N TYR A 160 -4.48 10.40 -7.68
CA TYR A 160 -5.07 10.91 -8.92
C TYR A 160 -6.39 10.25 -9.30
N LEU A 161 -6.93 9.35 -8.48
CA LEU A 161 -8.20 8.70 -8.79
C LEU A 161 -9.34 9.48 -8.17
N ASP A 162 -10.48 9.53 -8.87
CA ASP A 162 -11.67 10.14 -8.28
C ASP A 162 -12.21 9.24 -7.17
N VAL A 163 -13.10 9.80 -6.34
CA VAL A 163 -13.47 9.09 -5.12
C VAL A 163 -14.20 7.78 -5.43
N LEU A 164 -15.01 7.73 -6.49
CA LEU A 164 -15.71 6.48 -6.78
C LEU A 164 -14.76 5.41 -7.33
N THR A 165 -13.85 5.81 -8.21
CA THR A 165 -12.87 4.84 -8.72
C THR A 165 -12.00 4.31 -7.59
N GLU A 166 -11.58 5.19 -6.67
CA GLU A 166 -10.82 4.76 -5.50
C GLU A 166 -11.62 3.77 -4.66
N LYS A 167 -12.89 4.10 -4.39
CA LYS A 167 -13.76 3.18 -3.65
C LYS A 167 -13.85 1.83 -4.35
N GLU A 168 -14.03 1.83 -5.67
CA GLU A 168 -14.24 0.57 -6.38
C GLU A 168 -12.99 -0.30 -6.36
N ILE A 169 -11.82 0.30 -6.55
CA ILE A 169 -10.57 -0.47 -6.55
C ILE A 169 -10.16 -0.87 -5.13
N PHE A 170 -10.41 -0.02 -4.13
CA PHE A 170 -10.26 -0.48 -2.75
C PHE A 170 -11.03 -1.77 -2.52
N GLU A 171 -12.27 -1.83 -3.00
CA GLU A 171 -13.11 -3.00 -2.79
C GLU A 171 -12.66 -4.19 -3.64
N SER A 172 -12.43 -3.96 -4.93
CA SER A 172 -12.12 -5.09 -5.81
C SER A 172 -10.70 -5.63 -5.57
N CYS A 173 -9.74 -4.74 -5.32
CA CYS A 173 -8.34 -5.16 -5.20
C CYS A 173 -7.96 -5.41 -3.73
N VAL A 174 -8.11 -4.40 -2.88
CA VAL A 174 -7.58 -4.54 -1.52
C VAL A 174 -8.44 -5.47 -0.68
N CYS A 175 -9.77 -5.44 -0.89
CA CYS A 175 -10.68 -6.22 -0.05
C CYS A 175 -11.00 -7.58 -0.64
N LYS A 176 -11.25 -7.66 -1.94
CA LYS A 176 -11.66 -8.92 -2.53
C LYS A 176 -10.46 -9.73 -3.01
N LEU A 177 -9.72 -9.21 -3.98
CA LEU A 177 -8.60 -9.95 -4.55
C LEU A 177 -7.57 -10.31 -3.48
N MET A 178 -7.33 -9.39 -2.55
CA MET A 178 -6.30 -9.56 -1.53
C MET A 178 -6.87 -10.04 -0.19
N ALA A 179 -8.07 -10.64 -0.20
CA ALA A 179 -8.76 -10.95 1.06
C ALA A 179 -7.96 -11.89 1.97
N ASN A 180 -7.09 -12.72 1.42
CA ASN A 180 -6.40 -13.67 2.29
C ASN A 180 -5.04 -13.17 2.80
N LYS A 181 -4.66 -11.94 2.44
CA LYS A 181 -3.29 -11.49 2.58
C LYS A 181 -3.19 -10.44 3.68
N THR A 182 -2.04 -10.40 4.33
CA THR A 182 -1.77 -9.39 5.34
C THR A 182 -1.42 -8.09 4.65
N ARG A 183 -2.13 -7.02 4.99
CA ARG A 183 -2.07 -5.76 4.28
C ARG A 183 -1.96 -4.59 5.26
N ILE A 184 -1.07 -3.66 4.95
CA ILE A 184 -1.03 -2.35 5.61
C ILE A 184 -1.26 -1.32 4.53
N LEU A 185 -2.35 -0.58 4.66
CA LEU A 185 -2.77 0.41 3.68
C LEU A 185 -2.67 1.79 4.31
N VAL A 186 -1.82 2.65 3.77
CA VAL A 186 -1.79 4.04 4.23
C VAL A 186 -2.89 4.77 3.48
N THR A 187 -3.85 5.31 4.22
CA THR A 187 -5.07 5.88 3.65
C THR A 187 -5.78 6.70 4.72
N SER A 188 -6.52 7.71 4.27
CA SER A 188 -7.30 8.54 5.18
C SER A 188 -8.81 8.37 5.00
N LYS A 189 -9.25 7.56 4.04
CA LYS A 189 -10.65 7.55 3.62
C LYS A 189 -11.51 6.76 4.60
N MET A 190 -12.70 7.31 4.90
CA MET A 190 -13.53 6.75 5.96
C MET A 190 -13.88 5.28 5.69
N GLU A 191 -14.28 4.96 4.45
CA GLU A 191 -14.68 3.57 4.19
C GLU A 191 -13.52 2.60 4.40
N HIS A 192 -12.29 3.03 4.07
CA HIS A 192 -11.15 2.15 4.25
C HIS A 192 -10.89 1.89 5.73
N LEU A 193 -10.98 2.94 6.56
CA LEU A 193 -10.82 2.75 8.00
C LEU A 193 -11.94 1.87 8.55
N LYS A 194 -13.15 2.02 8.02
CA LYS A 194 -14.30 1.25 8.49
C LYS A 194 -14.14 -0.23 8.17
N LYS A 195 -13.56 -0.56 7.02
CA LYS A 195 -13.39 -1.95 6.63
C LYS A 195 -12.11 -2.58 7.17
N ALA A 196 -11.17 -1.78 7.65
CA ALA A 196 -9.94 -2.34 8.19
C ALA A 196 -10.21 -3.09 9.49
N ASP A 197 -9.40 -4.11 9.75
CA ASP A 197 -9.49 -4.82 11.03
C ASP A 197 -9.00 -3.95 12.18
N LYS A 198 -8.00 -3.10 11.92
CA LYS A 198 -7.49 -2.15 12.89
C LYS A 198 -7.15 -0.86 12.18
N ILE A 199 -7.18 0.25 12.93
CA ILE A 199 -6.84 1.58 12.45
C ILE A 199 -5.74 2.13 13.35
N LEU A 200 -4.72 2.71 12.73
CA LEU A 200 -3.69 3.48 13.43
C LEU A 200 -3.67 4.88 12.83
N ILE A 201 -4.04 5.89 13.61
CA ILE A 201 -3.96 7.28 13.17
C ILE A 201 -2.74 7.90 13.82
N LEU A 202 -1.82 8.39 13.00
CA LEU A 202 -0.60 9.03 13.47
C LEU A 202 -0.75 10.54 13.43
N HIS A 203 -0.09 11.21 14.38
CA HIS A 203 -0.02 12.67 14.35
C HIS A 203 1.33 13.09 14.91
N GLU A 204 2.14 13.73 14.07
CA GLU A 204 3.46 14.19 14.45
C GLU A 204 4.24 13.09 15.16
N GLY A 205 4.18 11.88 14.61
CA GLY A 205 4.92 10.75 15.14
C GLY A 205 4.20 9.95 16.21
N SER A 206 3.19 10.51 16.87
CA SER A 206 2.53 9.83 17.98
C SER A 206 1.27 9.10 17.53
N SER A 207 0.82 8.15 18.36
CA SER A 207 -0.43 7.42 18.15
C SER A 207 -1.60 8.31 18.56
N TYR A 208 -2.25 8.92 17.58
CA TYR A 208 -3.45 9.72 17.82
C TYR A 208 -4.62 8.82 18.22
N PHE A 209 -4.78 7.68 17.55
CA PHE A 209 -5.81 6.71 17.86
C PHE A 209 -5.33 5.35 17.39
N TYR A 210 -5.58 4.32 18.18
CA TYR A 210 -5.39 2.95 17.72
C TYR A 210 -6.52 2.09 18.25
N GLY A 211 -7.19 1.39 17.35
CA GLY A 211 -8.35 0.57 17.69
C GLY A 211 -9.13 0.25 16.41
N THR A 212 -10.44 0.07 16.59
CA THR A 212 -11.33 -0.19 15.46
C THR A 212 -12.20 1.04 15.18
N PHE A 213 -12.72 1.08 13.95
CA PHE A 213 -13.70 2.11 13.60
C PHE A 213 -14.88 2.10 14.56
N SER A 214 -15.35 0.90 14.91
CA SER A 214 -16.46 0.77 15.86
C SER A 214 -16.12 1.39 17.20
N GLU A 215 -14.91 1.17 17.71
CA GLU A 215 -14.50 1.76 18.98
C GLU A 215 -14.48 3.28 18.88
N LEU A 216 -13.92 3.82 17.79
CA LEU A 216 -13.95 5.26 17.60
C LEU A 216 -15.37 5.80 17.53
N GLN A 217 -16.27 5.10 16.85
CA GLN A 217 -17.66 5.55 16.81
C GLN A 217 -18.24 5.61 18.21
N ASN A 218 -17.91 4.61 19.04
CA ASN A 218 -18.41 4.57 20.41
C ASN A 218 -17.92 5.72 21.26
N LEU A 219 -16.86 6.42 20.85
CA LEU A 219 -16.33 7.54 21.62
C LEU A 219 -17.10 8.83 21.31
MG MG B . 4.31 9.25 2.96
N1 CTP C . 11.97 12.30 7.40
C2 CTP C . 13.44 12.50 7.51
N3 CTP C . 14.36 11.68 6.66
C4 CTP C . 13.83 10.70 5.75
C5 CTP C . 12.35 10.49 5.65
C6 CTP C . 11.44 11.30 6.49
O2 CTP C . 13.91 13.30 8.25
N4 CTP C . 14.71 9.90 4.92
C1' CTP C . 11.05 13.05 8.23
C2' CTP C . 10.06 14.00 7.36
O2' CTP C . 10.70 15.29 7.08
C3' CTP C . 8.99 14.16 8.10
C4' CTP C . 8.88 12.87 8.96
O4' CTP C . 10.27 12.21 8.83
O3' CTP C . 9.14 15.32 9.00
C5' CTP C . 7.86 12.01 8.51
O5' CTP C . 8.08 11.69 7.17
PA CTP C . 7.09 10.61 6.45
O1A CTP C . 7.56 10.43 5.02
O2A CTP C . 7.08 9.33 7.24
O3A CTP C . 5.62 11.32 6.51
PB CTP C . 4.20 10.79 5.90
O1B CTP C . 4.40 9.59 5.03
O2B CTP C . 3.31 10.54 7.10
O3B CTP C . 3.71 12.10 5.09
PG CTP C . 2.96 12.11 3.64
O1G CTP C . 3.54 11.05 2.71
O2G CTP C . 1.49 11.86 3.87
O3G CTP C . 3.14 13.52 3.14
#